data_5YNU
#
_entry.id   5YNU
#
_cell.length_a   93.684
_cell.length_b   211.534
_cell.length_c   82.531
_cell.angle_alpha   90.000
_cell.angle_beta   90.000
_cell.angle_gamma   90.000
#
_symmetry.space_group_name_H-M   'C 2 2 21'
#
loop_
_entity.id
_entity.type
_entity.pdbx_description
1 polymer 'aromatic prenyltransferase'
2 non-polymer 3-[(Z)-2-isocyanoethenyl]-1H-indole
3 non-polymer IMIDAZOLE
4 non-polymer GLYCEROL
5 non-polymer 'PYROPHOSPHATE 2-'
6 non-polymer 'DIMETHYLALLYL DIPHOSPHATE'
7 water water
#
_entity_poly.entity_id   1
_entity_poly.type   'polypeptide(L)'
_entity_poly.pdbx_seq_one_letter_code
;GSAGAGAMTIVNRIRTDVVNVAKSFGAEYSEAVIDQIFQGFGEKFTNTGFAIRVQNKRNQKVDCNIRYGEAKENCLAWDI
ARESGLLSDQGHPVDTLIQEMFQAIPAIAYGADFDINYGLVKIWHLPKIVPVEEAFKIPSLPKSVNAHIDFFKKYHLDAL
CALTVDYRNKSTNLYFDAHHPEQRTTQFYKNILQSQQFEVPSDEVLEILVNCPEIAVTFNWSSPGIERMCFYTAFVNRET
VPQHINPVLKKFAQEAPALLDNPGFLVGWSFGPDAKKGTYIKIDVDYHGLVVPSFFHMHNLPLPIPEANSVFDLPSSDTE
DKLNSIVMS
;
_entity_poly.pdbx_strand_id   A,B
#
# COMPACT_ATOMS: atom_id res chain seq x y z
N GLY A 6 -37.38 0.68 -22.34
CA GLY A 6 -37.24 1.68 -23.37
C GLY A 6 -36.75 2.96 -22.73
N ALA A 7 -37.24 4.12 -23.15
CA ALA A 7 -36.81 5.34 -22.45
C ALA A 7 -37.36 5.36 -21.02
N MET A 8 -36.49 5.73 -20.11
CA MET A 8 -36.89 5.82 -18.72
C MET A 8 -35.89 6.66 -17.98
N THR A 9 -36.31 7.04 -16.79
CA THR A 9 -35.46 7.82 -15.92
C THR A 9 -34.41 6.84 -15.41
N ILE A 10 -33.25 7.38 -15.05
CA ILE A 10 -32.21 6.54 -14.44
C ILE A 10 -32.80 5.80 -13.24
N VAL A 11 -33.54 6.50 -12.40
CA VAL A 11 -34.04 5.82 -11.18
C VAL A 11 -34.94 4.62 -11.50
N ASN A 12 -35.75 4.73 -12.56
CA ASN A 12 -36.57 3.59 -12.95
C ASN A 12 -35.75 2.43 -13.53
N ARG A 13 -34.65 2.76 -14.20
CA ARG A 13 -33.71 1.76 -14.71
C ARG A 13 -33.10 0.99 -13.54
N ILE A 14 -32.76 1.71 -12.49
CA ILE A 14 -32.17 1.12 -11.30
C ILE A 14 -33.18 0.17 -10.64
N ARG A 15 -34.40 0.65 -10.42
CA ARG A 15 -35.43 -0.20 -9.82
C ARG A 15 -35.60 -1.52 -10.57
N THR A 16 -35.77 -1.41 -11.88
CA THR A 16 -35.97 -2.58 -12.70
C THR A 16 -34.79 -3.56 -12.58
N ASP A 17 -33.57 -3.02 -12.65
CA ASP A 17 -32.38 -3.85 -12.55
C ASP A 17 -32.30 -4.52 -11.15
N VAL A 18 -32.72 -3.81 -10.11
CA VAL A 18 -32.64 -4.38 -8.77
C VAL A 18 -33.60 -5.56 -8.64
N VAL A 19 -34.83 -5.39 -9.13
CA VAL A 19 -35.80 -6.48 -9.07
C VAL A 19 -35.35 -7.66 -9.95
N ASN A 20 -34.75 -7.34 -11.09
CA ASN A 20 -34.25 -8.40 -11.98
C ASN A 20 -33.18 -9.26 -11.32
N VAL A 21 -32.27 -8.63 -10.58
CA VAL A 21 -31.24 -9.35 -9.86
C VAL A 21 -31.88 -10.25 -8.83
N ALA A 22 -32.76 -9.67 -8.03
CA ALA A 22 -33.37 -10.42 -6.95
C ALA A 22 -34.05 -11.67 -7.51
N LYS A 23 -34.83 -11.49 -8.57
CA LYS A 23 -35.52 -12.63 -9.18
C LYS A 23 -34.54 -13.67 -9.66
N SER A 24 -33.49 -13.22 -10.34
CA SER A 24 -32.50 -14.14 -10.91
C SER A 24 -31.84 -15.00 -9.83
N PHE A 25 -31.50 -14.38 -8.70
CA PHE A 25 -30.80 -15.07 -7.62
C PHE A 25 -31.72 -15.72 -6.58
N GLY A 26 -33.03 -15.53 -6.72
CA GLY A 26 -33.97 -16.16 -5.78
C GLY A 26 -34.03 -15.41 -4.47
N ALA A 27 -33.59 -14.16 -4.44
CA ALA A 27 -33.72 -13.37 -3.23
C ALA A 27 -35.16 -12.93 -3.00
N GLU A 28 -35.55 -12.90 -1.73
CA GLU A 28 -36.85 -12.37 -1.39
C GLU A 28 -36.80 -10.86 -1.41
N TYR A 29 -37.97 -10.27 -1.68
CA TYR A 29 -38.13 -8.84 -1.65
C TYR A 29 -39.60 -8.51 -1.44
N SER A 30 -39.82 -7.30 -0.94
CA SER A 30 -41.16 -6.74 -0.74
C SER A 30 -41.32 -5.51 -1.63
N GLU A 31 -42.38 -5.49 -2.44
CA GLU A 31 -42.64 -4.35 -3.31
C GLU A 31 -42.86 -3.08 -2.48
N ALA A 32 -43.57 -3.20 -1.37
CA ALA A 32 -43.80 -2.04 -0.50
C ALA A 32 -42.48 -1.48 0.02
N VAL A 33 -41.60 -2.37 0.46
CA VAL A 33 -40.29 -1.92 0.99
C VAL A 33 -39.46 -1.27 -0.12
N ILE A 34 -39.40 -1.90 -1.30
CA ILE A 34 -38.69 -1.26 -2.41
C ILE A 34 -39.20 0.13 -2.73
N ASP A 35 -40.52 0.28 -2.81
CA ASP A 35 -41.09 1.59 -3.11
C ASP A 35 -40.76 2.61 -2.02
N GLN A 36 -40.80 2.15 -0.77
CA GLN A 36 -40.49 3.04 0.36
C GLN A 36 -39.03 3.51 0.32
N ILE A 37 -38.12 2.60 -0.01
CA ILE A 37 -36.70 2.95 -0.13
C ILE A 37 -36.52 3.95 -1.26
N PHE A 38 -37.11 3.66 -2.43
CA PHE A 38 -36.86 4.50 -3.59
C PHE A 38 -37.52 5.87 -3.50
N GLN A 39 -38.63 5.96 -2.78
CA GLN A 39 -39.24 7.27 -2.59
C GLN A 39 -38.23 8.19 -1.92
N GLY A 40 -37.57 7.68 -0.89
CA GLY A 40 -36.63 8.50 -0.14
C GLY A 40 -35.28 8.66 -0.79
N PHE A 41 -34.77 7.58 -1.37
CA PHE A 41 -33.36 7.51 -1.71
C PHE A 41 -33.08 7.35 -3.20
N GLY A 42 -34.11 7.34 -4.03
CA GLY A 42 -33.90 7.02 -5.45
C GLY A 42 -33.00 8.03 -6.16
N GLU A 43 -33.17 9.31 -5.83
CA GLU A 43 -32.33 10.32 -6.41
C GLU A 43 -30.87 10.17 -6.00
N LYS A 44 -30.63 9.82 -4.74
CA LYS A 44 -29.27 9.57 -4.31
C LYS A 44 -28.68 8.42 -5.13
N PHE A 45 -29.48 7.37 -5.35
CA PHE A 45 -28.96 6.18 -6.06
C PHE A 45 -28.49 6.53 -7.48
N THR A 46 -29.14 7.51 -8.07
CA THR A 46 -28.87 7.90 -9.47
C THR A 46 -27.60 8.72 -9.62
N ASN A 47 -27.21 9.43 -8.57
CA ASN A 47 -26.17 10.46 -8.64
C ASN A 47 -24.92 10.24 -7.83
N THR A 48 -24.86 9.12 -7.10
CA THR A 48 -23.73 8.86 -6.23
C THR A 48 -23.22 7.43 -6.39
N GLY A 49 -22.24 7.07 -5.58
CA GLY A 49 -21.70 5.73 -5.63
C GLY A 49 -22.67 4.67 -5.12
N PHE A 50 -23.36 4.03 -6.05
CA PHE A 50 -24.43 3.09 -5.76
C PHE A 50 -23.95 1.69 -6.09
N ALA A 51 -24.40 0.70 -5.32
CA ALA A 51 -24.05 -0.68 -5.61
C ALA A 51 -25.21 -1.62 -5.31
N ILE A 52 -25.28 -2.72 -6.06
CA ILE A 52 -26.21 -3.80 -5.76
C ILE A 52 -25.36 -4.96 -5.26
N ARG A 53 -25.77 -5.52 -4.13
CA ARG A 53 -25.08 -6.65 -3.49
C ARG A 53 -25.94 -7.92 -3.48
N VAL A 54 -25.32 -9.06 -3.74
CA VAL A 54 -25.89 -10.34 -3.33
C VAL A 54 -24.97 -11.03 -2.33
N GLN A 55 -25.57 -11.76 -1.40
CA GLN A 55 -24.77 -12.52 -0.44
C GLN A 55 -25.45 -13.83 -0.21
N ASN A 56 -24.63 -14.84 0.10
CA ASN A 56 -25.09 -16.23 0.11
C ASN A 56 -24.88 -16.92 1.45
N LYS A 57 -25.59 -16.49 2.49
CA LYS A 57 -25.55 -17.23 3.76
C LYS A 57 -25.94 -18.72 3.64
N ARG A 58 -25.23 -19.55 4.40
CA ARG A 58 -25.43 -21.01 4.38
C ARG A 58 -26.88 -21.37 4.73
N ASN A 59 -27.46 -22.31 3.98
CA ASN A 59 -28.78 -22.86 4.31
C ASN A 59 -29.86 -21.79 4.43
N GLN A 60 -29.82 -20.83 3.52
CA GLN A 60 -30.90 -19.86 3.39
C GLN A 60 -30.84 -19.14 2.05
N LYS A 61 -31.87 -18.37 1.73
CA LYS A 61 -31.91 -17.75 0.41
C LYS A 61 -30.83 -16.67 0.33
N VAL A 62 -30.38 -16.41 -0.89
CA VAL A 62 -29.52 -15.26 -1.19
C VAL A 62 -30.29 -14.01 -0.80
N ASP A 63 -29.59 -13.08 -0.16
CA ASP A 63 -30.15 -11.77 0.17
C ASP A 63 -29.66 -10.78 -0.90
N CYS A 64 -30.52 -9.81 -1.22
CA CYS A 64 -30.15 -8.73 -2.14
C CYS A 64 -30.23 -7.41 -1.38
N ASN A 65 -29.13 -6.67 -1.40
CA ASN A 65 -29.03 -5.35 -0.71
C ASN A 65 -28.66 -4.32 -1.73
N ILE A 66 -29.11 -3.10 -1.51
CA ILE A 66 -28.70 -1.97 -2.31
C ILE A 66 -28.16 -0.89 -1.38
N ARG A 67 -27.16 -0.16 -1.85
CA ARG A 67 -26.42 0.76 -0.98
C ARG A 67 -25.79 1.87 -1.77
N TYR A 68 -25.54 2.96 -1.08
CA TYR A 68 -24.86 4.08 -1.67
C TYR A 68 -24.07 4.83 -0.61
N GLY A 69 -23.12 5.63 -1.09
CA GLY A 69 -22.37 6.56 -0.25
C GLY A 69 -22.16 7.85 -1.00
N GLU A 70 -21.96 8.92 -0.26
CA GLU A 70 -21.51 10.19 -0.85
C GLU A 70 -20.68 11.00 0.12
N ALA A 71 -19.89 11.90 -0.48
CA ALA A 71 -18.89 12.71 0.20
C ALA A 71 -19.57 13.96 0.76
N LYS A 72 -20.35 13.76 1.80
CA LYS A 72 -20.97 14.82 2.58
C LYS A 72 -20.64 14.60 4.04
N GLU A 73 -20.45 15.69 4.79
CA GLU A 73 -19.96 15.64 6.17
C GLU A 73 -21.04 15.30 7.17
N ASN A 74 -22.29 15.51 6.78
CA ASN A 74 -23.43 15.24 7.63
C ASN A 74 -24.14 13.95 7.19
N CYS A 75 -24.82 13.33 8.14
CA CYS A 75 -25.44 12.04 7.87
C CYS A 75 -26.81 12.21 7.21
N LEU A 76 -26.81 12.48 5.91
CA LEU A 76 -28.04 12.90 5.23
C LEU A 76 -29.05 11.75 5.24
N ALA A 77 -28.55 10.50 5.28
CA ALA A 77 -29.48 9.36 5.27
C ALA A 77 -30.43 9.31 6.48
N TRP A 78 -30.00 9.83 7.61
CA TRP A 78 -30.80 9.71 8.81
C TRP A 78 -32.13 10.44 8.68
N ASP A 79 -32.10 11.71 8.29
CA ASP A 79 -33.34 12.48 8.09
C ASP A 79 -34.21 11.83 7.03
N ILE A 80 -33.61 11.34 5.95
CA ILE A 80 -34.39 10.75 4.87
C ILE A 80 -35.07 9.45 5.35
N ALA A 81 -34.34 8.62 6.09
CA ALA A 81 -34.87 7.34 6.53
C ALA A 81 -35.97 7.60 7.56
N ARG A 82 -35.74 8.57 8.44
CA ARG A 82 -36.74 8.89 9.46
C ARG A 82 -38.05 9.32 8.80
N GLU A 83 -37.99 10.26 7.87
CA GLU A 83 -39.20 10.75 7.21
C GLU A 83 -39.87 9.70 6.35
N SER A 84 -39.11 8.72 5.90
CA SER A 84 -39.60 7.67 5.00
C SER A 84 -40.30 6.54 5.76
N GLY A 85 -40.22 6.58 7.09
CA GLY A 85 -40.72 5.49 7.89
C GLY A 85 -39.77 4.31 7.98
N LEU A 86 -38.50 4.51 7.62
CA LEU A 86 -37.57 3.38 7.58
C LEU A 86 -36.72 3.25 8.82
N LEU A 87 -36.90 4.15 9.80
CA LEU A 87 -36.01 4.10 10.95
C LEU A 87 -36.72 4.52 12.22
N SER A 88 -37.31 3.55 12.90
CA SER A 88 -38.02 3.80 14.14
C SER A 88 -37.10 3.43 15.29
N ASP A 89 -37.21 4.16 16.39
CA ASP A 89 -36.51 3.78 17.61
C ASP A 89 -36.96 2.40 18.08
N GLN A 90 -35.99 1.66 18.60
CA GLN A 90 -36.18 0.33 19.17
C GLN A 90 -35.97 0.27 20.69
N GLY A 91 -35.60 1.37 21.31
CA GLY A 91 -35.33 1.34 22.76
C GLY A 91 -34.04 0.61 23.02
N HIS A 92 -32.98 1.10 22.40
CA HIS A 92 -31.78 0.27 22.28
C HIS A 92 -30.63 1.23 22.02
N PRO A 93 -29.39 0.79 22.30
CA PRO A 93 -28.22 1.62 21.96
C PRO A 93 -28.12 2.04 20.49
N VAL A 94 -28.62 1.24 19.55
CA VAL A 94 -28.50 1.62 18.14
C VAL A 94 -29.23 2.91 17.80
N ASP A 95 -30.26 3.27 18.56
CA ASP A 95 -31.09 4.45 18.24
C ASP A 95 -30.31 5.75 18.16
N THR A 96 -29.33 5.98 19.08
CA THR A 96 -28.55 7.18 19.06
C THR A 96 -27.13 6.99 18.56
N LEU A 97 -26.75 5.77 18.16
CA LEU A 97 -25.35 5.51 17.86
C LEU A 97 -24.79 6.23 16.65
N ILE A 98 -25.53 6.34 15.55
CA ILE A 98 -24.93 7.00 14.38
C ILE A 98 -24.79 8.50 14.67
N GLN A 99 -25.75 9.08 15.37
CA GLN A 99 -25.64 10.44 15.82
C GLN A 99 -24.40 10.67 16.67
N GLU A 100 -24.13 9.74 17.56
CA GLU A 100 -22.95 9.84 18.45
C GLU A 100 -21.67 9.75 17.61
N MET A 101 -21.65 8.88 16.62
CA MET A 101 -20.50 8.74 15.75
C MET A 101 -20.18 10.05 15.02
N PHE A 102 -21.20 10.69 14.48
CA PHE A 102 -21.01 11.96 13.79
C PHE A 102 -20.65 13.10 14.71
N GLN A 103 -21.04 13.02 15.98
CA GLN A 103 -20.58 14.01 16.95
C GLN A 103 -19.13 13.79 17.35
N ALA A 104 -18.72 12.54 17.47
CA ALA A 104 -17.42 12.24 18.08
C ALA A 104 -16.25 12.37 17.13
N ILE A 105 -16.46 11.97 15.88
CA ILE A 105 -15.43 11.95 14.86
C ILE A 105 -15.93 12.61 13.59
N PRO A 106 -15.19 13.62 13.08
CA PRO A 106 -15.68 14.28 11.88
C PRO A 106 -15.75 13.28 10.74
N ALA A 107 -16.83 13.37 9.98
CA ALA A 107 -17.00 12.55 8.78
C ALA A 107 -16.59 13.30 7.52
N ILE A 108 -16.02 12.57 6.57
CA ILE A 108 -15.86 13.08 5.22
C ILE A 108 -16.87 12.47 4.25
N ALA A 109 -17.59 11.43 4.68
CA ALA A 109 -18.62 10.83 3.88
C ALA A 109 -19.56 10.01 4.76
N TYR A 110 -20.66 9.56 4.18
CA TYR A 110 -21.65 8.74 4.86
C TYR A 110 -22.28 7.81 3.80
N GLY A 111 -22.97 6.78 4.25
CA GLY A 111 -23.69 5.94 3.36
C GLY A 111 -24.84 5.23 4.04
N ALA A 112 -25.56 4.44 3.26
CA ALA A 112 -26.65 3.64 3.78
C ALA A 112 -26.81 2.39 2.96
N ASP A 113 -27.38 1.37 3.59
CA ASP A 113 -27.55 0.06 3.05
C ASP A 113 -28.95 -0.47 3.37
N PHE A 114 -29.57 -1.14 2.40
CA PHE A 114 -30.97 -1.58 2.52
C PHE A 114 -31.12 -3.01 2.02
N ASP A 115 -31.85 -3.80 2.75
CA ASP A 115 -32.14 -5.12 2.29
C ASP A 115 -33.53 -4.94 1.66
N ILE A 116 -33.72 -5.35 0.41
CA ILE A 116 -35.00 -5.15 -0.26
C ILE A 116 -36.20 -5.94 0.27
N ASN A 117 -36.00 -6.88 1.19
CA ASN A 117 -37.06 -7.59 1.83
C ASN A 117 -37.29 -7.06 3.25
N TYR A 118 -36.66 -5.96 3.62
CA TYR A 118 -36.74 -5.47 5.00
C TYR A 118 -36.85 -3.94 5.10
N GLY A 119 -35.88 -3.23 4.53
CA GLY A 119 -35.76 -1.78 4.69
C GLY A 119 -34.32 -1.38 4.93
N LEU A 120 -34.15 -0.30 5.69
CA LEU A 120 -32.82 0.20 6.01
C LEU A 120 -32.19 -0.74 7.02
N VAL A 121 -30.98 -1.17 6.71
CA VAL A 121 -30.21 -2.08 7.58
C VAL A 121 -29.09 -1.32 8.29
N LYS A 122 -28.30 -0.54 7.55
CA LYS A 122 -27.17 0.18 8.12
C LYS A 122 -27.09 1.63 7.63
N ILE A 123 -26.47 2.44 8.48
CA ILE A 123 -25.93 3.72 8.08
C ILE A 123 -24.43 3.68 8.38
N TRP A 124 -23.63 4.28 7.49
CA TRP A 124 -22.19 4.30 7.58
C TRP A 124 -21.72 5.73 7.86
N HIS A 125 -20.62 5.79 8.60
CA HIS A 125 -19.83 6.99 8.89
C HIS A 125 -18.43 6.74 8.34
N LEU A 126 -17.93 7.65 7.51
CA LEU A 126 -16.57 7.53 7.00
C LEU A 126 -15.77 8.76 7.40
N PRO A 127 -14.82 8.60 8.33
CA PRO A 127 -13.90 9.68 8.65
C PRO A 127 -12.69 9.62 7.73
N LYS A 128 -11.80 10.60 7.85
CA LYS A 128 -10.44 10.39 7.40
C LYS A 128 -9.86 9.29 8.30
N ILE A 129 -8.85 8.56 7.83
CA ILE A 129 -8.30 7.48 8.64
C ILE A 129 -7.77 8.07 9.96
N VAL A 130 -8.25 7.51 11.06
CA VAL A 130 -7.89 7.97 12.39
C VAL A 130 -7.46 6.80 13.26
N PRO A 131 -6.78 7.09 14.37
CA PRO A 131 -6.46 6.03 15.31
C PRO A 131 -7.73 5.42 15.86
N VAL A 132 -7.74 4.11 16.02
CA VAL A 132 -8.93 3.40 16.46
C VAL A 132 -9.42 3.92 17.82
N GLU A 133 -8.52 4.41 18.65
CA GLU A 133 -8.89 4.91 19.98
C GLU A 133 -9.92 6.04 19.92
N GLU A 134 -10.02 6.74 18.79
CA GLU A 134 -11.00 7.81 18.67
CA GLU A 134 -10.99 7.82 18.70
C GLU A 134 -12.42 7.27 18.85
N ALA A 135 -12.62 6.01 18.49
CA ALA A 135 -13.93 5.41 18.64
C ALA A 135 -14.37 5.27 20.09
N PHE A 136 -13.42 5.27 21.03
CA PHE A 136 -13.76 4.95 22.40
C PHE A 136 -14.45 6.10 23.09
N LYS A 137 -14.59 7.23 22.41
CA LYS A 137 -15.36 8.40 22.86
C LYS A 137 -16.88 8.18 22.78
N ILE A 138 -17.29 7.22 21.95
CA ILE A 138 -18.68 7.07 21.54
C ILE A 138 -19.44 6.33 22.63
N PRO A 139 -20.40 7.01 23.29
CA PRO A 139 -20.99 6.45 24.50
C PRO A 139 -21.66 5.09 24.33
N SER A 140 -22.39 4.90 23.22
CA SER A 140 -23.21 3.71 23.09
C SER A 140 -22.54 2.57 22.35
N LEU A 141 -21.22 2.66 22.11
CA LEU A 141 -20.50 1.53 21.49
C LEU A 141 -20.59 0.36 22.45
N PRO A 142 -20.70 -0.85 21.90
CA PRO A 142 -20.67 -1.99 22.79
C PRO A 142 -19.39 -2.00 23.63
N LYS A 143 -19.51 -2.44 24.88
CA LYS A 143 -18.38 -2.49 25.80
C LYS A 143 -17.29 -3.44 25.28
N SER A 144 -17.70 -4.38 24.44
CA SER A 144 -16.74 -5.33 23.85
C SER A 144 -15.70 -4.61 22.98
N VAL A 145 -16.03 -3.44 22.43
CA VAL A 145 -15.06 -2.78 21.56
C VAL A 145 -13.82 -2.32 22.34
N ASN A 146 -14.03 -1.62 23.44
CA ASN A 146 -12.93 -1.20 24.26
C ASN A 146 -12.16 -2.40 24.80
N ALA A 147 -12.84 -3.48 25.07
CA ALA A 147 -12.18 -4.66 25.63
C ALA A 147 -11.24 -5.31 24.63
N HIS A 148 -11.37 -4.97 23.36
CA HIS A 148 -10.51 -5.57 22.32
C HIS A 148 -9.33 -4.69 21.91
N ILE A 149 -8.99 -3.72 22.74
CA ILE A 149 -7.80 -2.88 22.48
C ILE A 149 -6.50 -3.67 22.18
N ASP A 150 -6.20 -4.69 22.97
CA ASP A 150 -5.03 -5.49 22.71
C ASP A 150 -5.09 -6.31 21.43
N PHE A 151 -6.28 -6.82 21.11
CA PHE A 151 -6.51 -7.58 19.88
C PHE A 151 -6.27 -6.66 18.67
N PHE A 152 -6.79 -5.44 18.74
CA PHE A 152 -6.59 -4.50 17.61
C PHE A 152 -5.09 -4.24 17.42
N LYS A 153 -4.39 -3.97 18.52
CA LYS A 153 -2.94 -3.68 18.41
C LYS A 153 -2.20 -4.89 17.81
N LYS A 154 -2.50 -6.08 18.30
CA LYS A 154 -1.81 -7.30 17.86
C LYS A 154 -1.94 -7.51 16.36
N TYR A 155 -3.13 -7.24 15.82
CA TYR A 155 -3.41 -7.53 14.41
C TYR A 155 -3.34 -6.31 13.51
N HIS A 156 -2.69 -5.26 13.98
CA HIS A 156 -2.44 -4.05 13.21
C HIS A 156 -3.72 -3.41 12.72
N LEU A 157 -4.72 -3.44 13.58
CA LEU A 157 -6.01 -2.77 13.36
C LEU A 157 -5.94 -1.46 14.13
N ASP A 158 -5.05 -0.60 13.68
CA ASP A 158 -4.78 0.68 14.32
C ASP A 158 -5.44 1.84 13.60
N ALA A 159 -5.85 1.61 12.34
CA ALA A 159 -6.23 2.68 11.45
C ALA A 159 -7.71 2.52 11.04
N LEU A 160 -8.58 3.22 11.77
CA LEU A 160 -10.01 3.14 11.56
C LEU A 160 -10.38 3.95 10.33
N CYS A 161 -11.09 3.34 9.39
CA CYS A 161 -11.49 3.98 8.15
C CYS A 161 -12.99 4.14 7.91
N ALA A 162 -13.78 3.52 8.77
CA ALA A 162 -15.26 3.64 8.75
C ALA A 162 -15.87 2.99 9.97
N LEU A 163 -17.13 3.31 10.19
CA LEU A 163 -17.97 2.77 11.25
C LEU A 163 -19.36 2.59 10.67
N THR A 164 -20.06 1.55 11.10
CA THR A 164 -21.44 1.37 10.72
C THR A 164 -22.30 0.92 11.90
N VAL A 165 -23.59 1.27 11.79
CA VAL A 165 -24.61 0.82 12.72
C VAL A 165 -25.58 -0.08 11.99
N ASP A 166 -25.81 -1.28 12.51
CA ASP A 166 -26.77 -2.21 11.92
C ASP A 166 -27.98 -2.29 12.79
N TYR A 167 -29.02 -1.61 12.35
CA TYR A 167 -30.25 -1.44 13.12
C TYR A 167 -31.06 -2.74 13.17
N ARG A 168 -30.93 -3.56 12.14
CA ARG A 168 -31.62 -4.85 12.11
C ARG A 168 -30.97 -5.86 13.06
N ASN A 169 -29.65 -6.03 12.90
CA ASN A 169 -28.88 -7.06 13.59
C ASN A 169 -28.47 -6.59 15.00
N LYS A 170 -28.68 -5.32 15.31
CA LYS A 170 -28.23 -4.71 16.57
C LYS A 170 -26.73 -4.99 16.78
N SER A 171 -25.94 -4.49 15.84
CA SER A 171 -24.50 -4.66 15.87
C SER A 171 -23.84 -3.44 15.26
N THR A 172 -22.55 -3.34 15.46
CA THR A 172 -21.78 -2.25 14.90
C THR A 172 -20.50 -2.82 14.34
N ASN A 173 -20.05 -2.28 13.21
CA ASN A 173 -18.79 -2.70 12.64
C ASN A 173 -17.79 -1.57 12.73
N LEU A 174 -16.56 -1.94 13.06
CA LEU A 174 -15.41 -1.09 12.86
C LEU A 174 -14.66 -1.59 11.62
N TYR A 175 -14.30 -0.66 10.75
CA TYR A 175 -13.56 -0.97 9.52
C TYR A 175 -12.17 -0.39 9.61
N PHE A 176 -11.19 -1.18 9.19
CA PHE A 176 -9.79 -0.82 9.30
C PHE A 176 -9.13 -0.79 7.90
N ASP A 177 -8.24 0.17 7.74
CA ASP A 177 -7.34 0.24 6.60
C ASP A 177 -6.24 -0.79 6.84
N ALA A 178 -6.20 -1.80 5.98
CA ALA A 178 -5.29 -2.94 6.17
C ALA A 178 -3.93 -2.65 5.52
N HIS A 179 -3.24 -1.67 6.09
CA HIS A 179 -2.04 -1.12 5.50
C HIS A 179 -0.78 -1.89 5.82
N HIS A 180 -0.80 -2.71 6.86
CA HIS A 180 0.44 -3.27 7.37
C HIS A 180 0.97 -4.41 6.50
N PRO A 181 2.29 -4.47 6.31
CA PRO A 181 2.81 -5.52 5.44
C PRO A 181 2.50 -6.92 5.96
N GLU A 182 2.31 -7.11 7.26
CA GLU A 182 1.93 -8.45 7.73
C GLU A 182 0.58 -8.88 7.16
N GLN A 183 -0.27 -7.91 6.84
CA GLN A 183 -1.57 -8.19 6.25
C GLN A 183 -1.46 -8.60 4.75
N ARG A 184 -0.24 -8.64 4.22
CA ARG A 184 0.00 -9.11 2.85
C ARG A 184 0.46 -10.58 2.91
N THR A 185 0.35 -11.19 4.08
CA THR A 185 0.73 -12.59 4.25
C THR A 185 -0.47 -13.49 4.55
N THR A 186 -0.45 -14.71 4.03
CA THR A 186 -1.56 -15.62 4.32
C THR A 186 -1.62 -15.99 5.81
N GLN A 187 -0.48 -16.05 6.47
CA GLN A 187 -0.44 -16.41 7.89
C GLN A 187 -1.21 -15.43 8.76
N PHE A 188 -1.21 -14.16 8.40
CA PHE A 188 -2.00 -13.16 9.16
C PHE A 188 -3.46 -13.59 9.24
N TYR A 189 -4.01 -13.98 8.09
CA TYR A 189 -5.42 -14.30 8.01
C TYR A 189 -5.73 -15.60 8.75
N LYS A 190 -4.81 -16.53 8.70
CA LYS A 190 -4.98 -17.77 9.50
C LYS A 190 -5.02 -17.38 10.96
N ASN A 191 -4.07 -16.53 11.37
CA ASN A 191 -3.93 -16.18 12.78
C ASN A 191 -5.14 -15.41 13.27
N ILE A 192 -5.57 -14.42 12.52
CA ILE A 192 -6.66 -13.59 13.02
C ILE A 192 -7.97 -14.39 13.12
N LEU A 193 -8.18 -15.29 12.17
CA LEU A 193 -9.35 -16.15 12.19
C LEU A 193 -9.26 -17.16 13.35
N GLN A 194 -8.11 -17.78 13.51
CA GLN A 194 -7.95 -18.71 14.62
C GLN A 194 -8.12 -18.02 15.97
N SER A 195 -7.71 -16.76 16.06
CA SER A 195 -7.85 -16.02 17.31
C SER A 195 -9.30 -15.99 17.85
N GLN A 196 -10.27 -16.09 16.95
CA GLN A 196 -11.70 -16.05 17.28
C GLN A 196 -12.36 -17.42 17.06
N GLN A 197 -11.56 -18.44 16.84
CA GLN A 197 -12.10 -19.75 16.54
C GLN A 197 -13.07 -19.74 15.35
N PHE A 198 -12.70 -18.97 14.32
CA PHE A 198 -13.44 -18.96 13.07
C PHE A 198 -12.78 -19.93 12.09
N GLU A 199 -13.55 -20.47 11.14
CA GLU A 199 -12.93 -21.47 10.24
C GLU A 199 -11.98 -20.80 9.24
N VAL A 200 -10.87 -21.46 8.97
CA VAL A 200 -9.87 -20.90 8.06
C VAL A 200 -10.20 -21.42 6.69
N PRO A 201 -10.22 -20.51 5.70
CA PRO A 201 -10.59 -20.90 4.33
C PRO A 201 -9.45 -21.63 3.62
N SER A 202 -9.75 -22.09 2.42
CA SER A 202 -8.78 -22.80 1.61
C SER A 202 -7.57 -21.91 1.35
N ASP A 203 -6.50 -22.54 0.90
CA ASP A 203 -5.30 -21.81 0.51
C ASP A 203 -5.64 -20.87 -0.62
N GLU A 204 -6.50 -21.29 -1.52
CA GLU A 204 -6.85 -20.47 -2.66
C GLU A 204 -7.48 -19.15 -2.22
N VAL A 205 -8.37 -19.23 -1.24
CA VAL A 205 -8.99 -18.05 -0.68
C VAL A 205 -7.97 -17.19 0.08
N LEU A 206 -7.10 -17.85 0.88
CA LEU A 206 -6.08 -17.10 1.59
C LEU A 206 -5.24 -16.27 0.62
N GLU A 207 -4.96 -16.81 -0.56
CA GLU A 207 -4.10 -16.08 -1.52
C GLU A 207 -4.80 -14.88 -2.10
N ILE A 208 -6.13 -14.89 -2.05
CA ILE A 208 -6.93 -13.73 -2.42
C ILE A 208 -6.95 -12.69 -1.33
N LEU A 209 -7.02 -13.14 -0.09
CA LEU A 209 -7.11 -12.23 1.05
C LEU A 209 -5.91 -11.32 1.26
N VAL A 210 -4.75 -11.74 0.77
CA VAL A 210 -3.56 -10.95 0.99
C VAL A 210 -3.63 -9.60 0.27
N ASN A 211 -4.56 -9.46 -0.67
CA ASN A 211 -4.74 -8.18 -1.35
C ASN A 211 -5.82 -7.30 -0.76
N CYS A 212 -6.39 -7.74 0.36
CA CYS A 212 -7.48 -7.04 1.02
C CYS A 212 -7.03 -5.68 1.58
N PRO A 213 -7.65 -4.56 1.15
CA PRO A 213 -7.30 -3.29 1.75
C PRO A 213 -8.09 -2.92 3.00
N GLU A 214 -9.15 -3.67 3.29
CA GLU A 214 -10.10 -3.27 4.31
C GLU A 214 -10.59 -4.46 5.09
N ILE A 215 -10.58 -4.33 6.42
CA ILE A 215 -11.04 -5.37 7.32
C ILE A 215 -12.15 -4.82 8.21
N ALA A 216 -13.28 -5.51 8.25
CA ALA A 216 -14.35 -5.20 9.18
C ALA A 216 -14.40 -6.20 10.34
N VAL A 217 -14.71 -5.67 11.52
CA VAL A 217 -14.91 -6.46 12.72
C VAL A 217 -16.24 -6.04 13.35
N THR A 218 -17.08 -7.04 13.60
CA THR A 218 -18.43 -6.83 14.11
C THR A 218 -18.54 -7.12 15.60
N PHE A 219 -19.13 -6.17 16.32
CA PHE A 219 -19.38 -6.25 17.76
C PHE A 219 -20.87 -6.09 18.04
N ASN A 220 -21.33 -6.62 19.17
CA ASN A 220 -22.72 -6.42 19.53
C ASN A 220 -22.86 -6.27 21.04
N TRP A 221 -24.09 -6.07 21.50
CA TRP A 221 -24.36 -5.71 22.90
C TRP A 221 -24.77 -6.89 23.72
N SER A 222 -24.89 -8.04 23.07
CA SER A 222 -25.41 -9.24 23.74
C SER A 222 -24.32 -10.23 24.11
N SER A 223 -23.10 -9.94 23.71
CA SER A 223 -22.00 -10.88 23.90
C SER A 223 -20.68 -10.14 23.94
N PRO A 224 -19.67 -10.73 24.59
CA PRO A 224 -18.42 -10.01 24.82
C PRO A 224 -17.42 -10.16 23.67
N GLY A 225 -17.72 -11.05 22.73
CA GLY A 225 -16.77 -11.44 21.69
C GLY A 225 -17.09 -10.83 20.31
N ILE A 226 -16.15 -11.00 19.41
CA ILE A 226 -16.34 -10.61 18.02
C ILE A 226 -17.39 -11.53 17.40
N GLU A 227 -18.40 -10.92 16.80
CA GLU A 227 -19.46 -11.69 16.15
C GLU A 227 -19.01 -12.33 14.83
N ARG A 228 -18.28 -11.56 14.02
CA ARG A 228 -17.83 -12.00 12.71
C ARG A 228 -16.85 -10.96 12.23
N MET A 229 -16.07 -11.34 11.22
CA MET A 229 -15.19 -10.39 10.59
C MET A 229 -15.24 -10.59 9.09
N CYS A 230 -14.86 -9.56 8.34
CA CYS A 230 -14.98 -9.63 6.91
C CYS A 230 -13.80 -8.92 6.26
N PHE A 231 -13.29 -9.54 5.20
CA PHE A 231 -12.14 -9.04 4.45
C PHE A 231 -12.64 -8.63 3.06
N TYR A 232 -12.38 -7.39 2.68
CA TYR A 232 -12.87 -6.88 1.41
C TYR A 232 -11.77 -6.78 0.39
N THR A 233 -12.05 -7.23 -0.84
CA THR A 233 -11.15 -7.18 -1.97
C THR A 233 -11.90 -6.63 -3.17
N ALA A 234 -11.29 -5.77 -3.98
CA ALA A 234 -11.96 -5.24 -5.15
C ALA A 234 -11.35 -5.78 -6.41
N PHE A 235 -12.15 -5.81 -7.46
CA PHE A 235 -11.73 -6.33 -8.76
C PHE A 235 -12.24 -5.37 -9.79
N VAL A 236 -11.40 -4.97 -10.73
CA VAL A 236 -11.72 -3.79 -11.52
C VAL A 236 -12.60 -4.13 -12.73
N ASN A 237 -12.84 -5.41 -13.00
CA ASN A 237 -13.83 -5.80 -14.02
C ASN A 237 -14.39 -7.18 -13.79
N ARG A 238 -15.37 -7.57 -14.61
CA ARG A 238 -16.04 -8.90 -14.46
C ARG A 238 -15.05 -10.07 -14.47
N GLU A 239 -14.12 -10.03 -15.40
CA GLU A 239 -13.25 -11.18 -15.66
C GLU A 239 -12.24 -11.43 -14.55
N THR A 240 -11.91 -10.40 -13.78
CA THR A 240 -10.94 -10.57 -12.70
C THR A 240 -11.54 -10.93 -11.35
N VAL A 241 -12.86 -11.02 -11.27
CA VAL A 241 -13.50 -11.59 -10.08
C VAL A 241 -13.10 -13.06 -10.08
N PRO A 242 -12.80 -13.60 -8.90
CA PRO A 242 -12.43 -15.03 -8.87
C PRO A 242 -13.65 -15.93 -8.99
N GLN A 243 -14.17 -16.00 -10.21
CA GLN A 243 -15.46 -16.63 -10.50
C GLN A 243 -15.43 -18.12 -10.15
N HIS A 244 -14.24 -18.71 -10.22
CA HIS A 244 -14.10 -20.15 -9.99
C HIS A 244 -14.28 -20.53 -8.53
N ILE A 245 -14.31 -19.56 -7.62
CA ILE A 245 -14.31 -19.89 -6.19
C ILE A 245 -15.69 -20.36 -5.73
N ASN A 246 -16.74 -19.84 -6.33
CA ASN A 246 -18.08 -20.06 -5.82
C ASN A 246 -19.06 -19.72 -6.94
N PRO A 247 -20.14 -20.49 -7.08
CA PRO A 247 -21.01 -20.23 -8.23
C PRO A 247 -21.71 -18.87 -8.19
N VAL A 248 -21.96 -18.32 -7.01
CA VAL A 248 -22.58 -17.00 -6.94
C VAL A 248 -21.65 -15.89 -7.46
N LEU A 249 -20.36 -16.01 -7.16
CA LEU A 249 -19.37 -15.08 -7.71
C LEU A 249 -19.37 -15.15 -9.21
N LYS A 250 -19.37 -16.36 -9.76
CA LYS A 250 -19.34 -16.51 -11.20
C LYS A 250 -20.57 -15.83 -11.81
N LYS A 251 -21.73 -16.26 -11.36
CA LYS A 251 -22.98 -15.77 -11.91
C LYS A 251 -23.12 -14.25 -11.77
N PHE A 252 -22.87 -13.72 -10.58
CA PHE A 252 -23.02 -12.28 -10.39
C PHE A 252 -21.98 -11.50 -11.20
N ALA A 253 -20.72 -11.93 -11.23
CA ALA A 253 -19.75 -11.22 -12.07
C ALA A 253 -20.22 -11.15 -13.51
N GLN A 254 -20.69 -12.28 -14.03
CA GLN A 254 -21.04 -12.37 -15.43
C GLN A 254 -22.34 -11.62 -15.74
N GLU A 255 -23.30 -11.67 -14.82
CA GLU A 255 -24.69 -11.24 -15.09
C GLU A 255 -25.20 -10.00 -14.34
N ALA A 256 -24.50 -9.54 -13.31
CA ALA A 256 -25.00 -8.39 -12.56
C ALA A 256 -25.18 -7.20 -13.49
N PRO A 257 -26.29 -6.47 -13.31
CA PRO A 257 -26.53 -5.31 -14.13
C PRO A 257 -25.70 -4.12 -13.66
N ALA A 258 -25.34 -3.30 -14.62
CA ALA A 258 -24.67 -2.03 -14.34
C ALA A 258 -25.02 -1.05 -15.44
N LEU A 259 -25.11 0.23 -15.10
CA LEU A 259 -25.41 1.24 -16.12
C LEU A 259 -24.17 1.52 -16.92
N LEU A 260 -23.04 1.39 -16.27
CA LEU A 260 -21.79 1.48 -16.95
C LEU A 260 -21.51 0.13 -17.60
N ASP A 261 -20.95 0.20 -18.78
CA ASP A 261 -20.69 -1.01 -19.53
C ASP A 261 -19.58 -1.84 -18.93
N ASN A 262 -18.65 -1.25 -18.23
CA ASN A 262 -17.58 -2.07 -17.72
C ASN A 262 -17.40 -1.91 -16.21
N PRO A 263 -18.23 -2.58 -15.41
CA PRO A 263 -18.10 -2.34 -13.96
C PRO A 263 -17.07 -3.21 -13.26
N GLY A 264 -16.57 -2.69 -12.15
CA GLY A 264 -15.83 -3.48 -11.16
C GLY A 264 -16.74 -4.01 -10.08
N PHE A 265 -16.13 -4.71 -9.11
CA PHE A 265 -16.86 -5.40 -8.05
C PHE A 265 -16.08 -5.29 -6.73
N LEU A 266 -16.80 -5.29 -5.62
CA LEU A 266 -16.19 -5.49 -4.31
C LEU A 266 -16.69 -6.81 -3.77
N VAL A 267 -15.77 -7.64 -3.29
CA VAL A 267 -16.15 -8.90 -2.67
C VAL A 267 -15.71 -8.91 -1.21
N GLY A 268 -16.65 -9.29 -0.37
CA GLY A 268 -16.40 -9.43 1.08
C GLY A 268 -16.41 -10.91 1.43
N TRP A 269 -15.35 -11.34 2.09
CA TRP A 269 -15.22 -12.71 2.55
C TRP A 269 -15.47 -12.66 4.05
N SER A 270 -16.66 -13.11 4.47
CA SER A 270 -17.07 -13.07 5.86
C SER A 270 -16.83 -14.41 6.57
N PHE A 271 -16.39 -14.33 7.81
CA PHE A 271 -16.10 -15.49 8.64
C PHE A 271 -16.75 -15.32 9.99
N GLY A 272 -17.24 -16.42 10.53
CA GLY A 272 -17.75 -16.44 11.88
C GLY A 272 -17.60 -17.81 12.49
N PRO A 273 -18.26 -18.06 13.63
CA PRO A 273 -17.97 -19.27 14.41
C PRO A 273 -18.14 -20.63 13.69
N LYS A 277 -22.40 -20.49 10.37
CA LYS A 277 -22.89 -19.12 10.51
C LYS A 277 -21.75 -18.10 10.56
N GLY A 278 -22.00 -16.91 10.02
CA GLY A 278 -21.01 -15.86 9.93
C GLY A 278 -20.04 -16.03 8.76
N THR A 279 -19.99 -17.23 8.14
CA THR A 279 -19.09 -17.55 6.99
C THR A 279 -19.73 -17.65 5.56
N TYR A 280 -19.45 -16.68 4.71
CA TYR A 280 -20.14 -16.54 3.44
C TYR A 280 -19.49 -15.43 2.65
N ILE A 281 -19.99 -15.18 1.44
CA ILE A 281 -19.40 -14.24 0.52
C ILE A 281 -20.46 -13.18 0.21
N LYS A 282 -20.02 -11.96 0.05
CA LYS A 282 -20.82 -10.81 -0.33
C LYS A 282 -20.18 -10.28 -1.62
N ILE A 283 -20.97 -9.96 -2.64
CA ILE A 283 -20.38 -9.34 -3.84
C ILE A 283 -21.25 -8.18 -4.34
N ASP A 284 -20.61 -7.05 -4.54
CA ASP A 284 -21.28 -5.81 -4.93
C ASP A 284 -20.87 -5.46 -6.34
N VAL A 285 -21.81 -5.10 -7.20
CA VAL A 285 -21.46 -4.53 -8.50
C VAL A 285 -21.37 -3.01 -8.40
N ASP A 286 -20.31 -2.45 -8.96
CA ASP A 286 -20.10 -1.01 -8.96
C ASP A 286 -20.93 -0.41 -10.09
N TYR A 287 -22.20 -0.17 -9.80
CA TYR A 287 -23.23 0.06 -10.80
C TYR A 287 -22.94 1.26 -11.72
N HIS A 288 -22.39 2.35 -11.16
CA HIS A 288 -22.03 3.54 -11.93
C HIS A 288 -20.52 3.68 -12.12
N GLY A 289 -19.78 2.72 -11.57
CA GLY A 289 -18.33 2.76 -11.68
C GLY A 289 -17.60 3.68 -10.74
N LEU A 290 -18.29 4.22 -9.75
CA LEU A 290 -17.68 5.19 -8.82
C LEU A 290 -17.09 4.58 -7.56
N VAL A 291 -17.64 3.44 -7.16
CA VAL A 291 -17.28 2.81 -5.89
C VAL A 291 -15.87 2.25 -5.86
N VAL A 292 -15.46 1.54 -6.91
CA VAL A 292 -14.16 0.85 -6.83
C VAL A 292 -13.01 1.87 -6.87
N PRO A 293 -13.08 2.92 -7.71
CA PRO A 293 -11.99 3.90 -7.61
C PRO A 293 -11.96 4.61 -6.25
N SER A 294 -13.13 4.92 -5.72
CA SER A 294 -13.22 5.50 -4.39
C SER A 294 -12.60 4.61 -3.31
N PHE A 295 -12.85 3.31 -3.42
CA PHE A 295 -12.31 2.34 -2.46
C PHE A 295 -10.79 2.29 -2.42
N PHE A 296 -10.18 2.26 -3.60
CA PHE A 296 -8.73 2.33 -3.68
C PHE A 296 -8.19 3.66 -3.15
N HIS A 297 -8.83 4.76 -3.53
CA HIS A 297 -8.39 6.06 -3.07
C HIS A 297 -8.46 6.21 -1.54
N MET A 298 -9.55 5.77 -0.92
CA MET A 298 -9.70 5.90 0.51
C MET A 298 -8.69 5.04 1.30
N HIS A 299 -8.08 4.06 0.61
CA HIS A 299 -7.01 3.22 1.19
C HIS A 299 -5.60 3.59 0.71
N ASN A 300 -5.50 4.74 0.04
CA ASN A 300 -4.22 5.28 -0.39
C ASN A 300 -3.49 4.29 -1.30
N LEU A 301 -4.23 3.64 -2.18
CA LEU A 301 -3.69 2.68 -3.14
C LEU A 301 -3.94 3.21 -4.54
N PRO A 302 -2.91 3.12 -5.39
CA PRO A 302 -3.16 3.33 -6.82
C PRO A 302 -4.22 2.39 -7.36
N LEU A 303 -5.01 2.89 -8.29
CA LEU A 303 -6.03 2.11 -8.97
C LEU A 303 -5.37 1.06 -9.89
N PRO A 304 -5.75 -0.23 -9.76
CA PRO A 304 -5.28 -1.25 -10.70
C PRO A 304 -5.86 -1.19 -12.15
N ALA B 3 32.08 -13.82 -23.67
CA ALA B 3 30.60 -13.60 -23.84
C ALA B 3 30.21 -13.30 -25.28
N GLY B 4 28.93 -13.51 -25.60
CA GLY B 4 28.46 -13.52 -27.00
C GLY B 4 28.29 -12.10 -27.55
N ALA B 5 28.18 -11.98 -28.86
CA ALA B 5 28.16 -10.67 -29.50
C ALA B 5 27.00 -9.80 -29.04
N GLY B 6 25.82 -10.39 -28.90
CA GLY B 6 24.64 -9.66 -28.49
C GLY B 6 24.80 -9.13 -27.08
N ALA B 7 25.26 -9.98 -26.15
CA ALA B 7 25.53 -9.53 -24.79
C ALA B 7 26.56 -8.43 -24.78
N MET B 8 27.64 -8.59 -25.54
CA MET B 8 28.70 -7.58 -25.53
C MET B 8 28.21 -6.26 -26.15
N THR B 9 27.33 -6.36 -27.13
CA THR B 9 26.68 -5.17 -27.69
C THR B 9 25.92 -4.39 -26.63
N ILE B 10 25.12 -5.09 -25.83
CA ILE B 10 24.43 -4.41 -24.73
C ILE B 10 25.39 -3.88 -23.68
N VAL B 11 26.40 -4.67 -23.30
CA VAL B 11 27.39 -4.17 -22.34
C VAL B 11 28.04 -2.88 -22.83
N ASN B 12 28.45 -2.83 -24.09
CA ASN B 12 29.14 -1.68 -24.64
C ASN B 12 28.19 -0.47 -24.69
N ARG B 13 26.91 -0.73 -24.97
CA ARG B 13 25.91 0.33 -25.03
C ARG B 13 25.71 0.92 -23.63
N ILE B 14 25.68 0.06 -22.63
CA ILE B 14 25.58 0.55 -21.26
C ILE B 14 26.80 1.37 -20.87
N ARG B 15 28.00 0.87 -21.16
CA ARG B 15 29.21 1.58 -20.76
C ARG B 15 29.24 2.94 -21.43
N THR B 16 28.95 2.97 -22.72
CA THR B 16 28.88 4.26 -23.44
C THR B 16 27.85 5.21 -22.83
N ASP B 17 26.63 4.74 -22.62
CA ASP B 17 25.59 5.55 -22.00
C ASP B 17 26.00 6.10 -20.63
N VAL B 18 26.66 5.27 -19.82
CA VAL B 18 27.16 5.72 -18.52
C VAL B 18 28.21 6.84 -18.61
N VAL B 19 29.18 6.66 -19.49
CA VAL B 19 30.17 7.71 -19.69
C VAL B 19 29.53 8.98 -20.25
N ASN B 20 28.52 8.82 -21.12
CA ASN B 20 27.88 10.00 -21.69
C ASN B 20 27.13 10.78 -20.64
N VAL B 21 26.50 10.07 -19.72
CA VAL B 21 25.82 10.74 -18.60
C VAL B 21 26.82 11.56 -17.80
N ALA B 22 27.95 10.95 -17.45
CA ALA B 22 28.95 11.63 -16.67
C ALA B 22 29.45 12.90 -17.38
N LYS B 23 29.74 12.79 -18.67
CA LYS B 23 30.25 13.91 -19.45
C LYS B 23 29.19 15.00 -19.44
N SER B 24 27.93 14.61 -19.62
CA SER B 24 26.85 15.57 -19.79
C SER B 24 26.67 16.42 -18.53
N PHE B 25 26.85 15.78 -17.38
CA PHE B 25 26.68 16.46 -16.08
C PHE B 25 27.96 17.03 -15.47
N GLY B 26 29.07 16.86 -16.18
CA GLY B 26 30.37 17.27 -15.63
C GLY B 26 30.85 16.39 -14.47
N ALA B 27 30.36 15.16 -14.36
CA ALA B 27 30.78 14.24 -13.30
C ALA B 27 32.12 13.62 -13.61
N GLU B 28 32.89 13.38 -12.55
CA GLU B 28 34.15 12.68 -12.62
C GLU B 28 33.91 11.22 -12.91
N TYR B 29 34.86 10.62 -13.64
CA TYR B 29 34.87 9.19 -13.83
C TYR B 29 36.31 8.72 -14.14
N SER B 30 36.54 7.43 -13.92
CA SER B 30 37.84 6.81 -14.14
C SER B 30 37.70 5.63 -15.08
N GLU B 31 38.40 5.68 -16.21
CA GLU B 31 38.38 4.57 -17.15
C GLU B 31 38.87 3.27 -16.52
N ALA B 32 39.87 3.34 -15.64
CA ALA B 32 40.36 2.11 -15.01
C ALA B 32 39.29 1.59 -14.07
N VAL B 33 38.66 2.49 -13.32
CA VAL B 33 37.60 2.05 -12.40
C VAL B 33 36.42 1.44 -13.17
N ILE B 34 36.02 2.07 -14.26
CA ILE B 34 34.93 1.55 -15.05
C ILE B 34 35.27 0.16 -15.65
N ASP B 35 36.49 0.00 -16.14
CA ASP B 35 36.91 -1.28 -16.71
C ASP B 35 36.79 -2.37 -15.64
N GLN B 36 37.21 -2.03 -14.41
CA GLN B 36 37.17 -3.00 -13.31
C GLN B 36 35.73 -3.40 -12.99
N ILE B 37 34.85 -2.41 -12.89
CA ILE B 37 33.44 -2.66 -12.61
C ILE B 37 32.82 -3.54 -13.69
N PHE B 38 33.02 -3.17 -14.94
CA PHE B 38 32.41 -3.89 -16.05
C PHE B 38 33.00 -5.28 -16.25
N GLN B 39 34.27 -5.47 -15.92
CA GLN B 39 34.85 -6.80 -16.01
C GLN B 39 34.06 -7.73 -15.11
N GLY B 40 33.77 -7.30 -13.89
CA GLY B 40 33.11 -8.18 -12.94
C GLY B 40 31.59 -8.22 -13.09
N PHE B 41 30.99 -7.09 -13.45
CA PHE B 41 29.54 -6.91 -13.33
C PHE B 41 28.82 -6.59 -14.63
N GLY B 42 29.56 -6.40 -15.71
CA GLY B 42 28.94 -6.00 -16.97
C GLY B 42 27.82 -6.90 -17.38
N GLU B 43 28.01 -8.21 -17.25
CA GLU B 43 26.98 -9.19 -17.64
C GLU B 43 25.72 -9.03 -16.81
N LYS B 44 25.92 -8.85 -15.51
CA LYS B 44 24.77 -8.59 -14.66
C LYS B 44 24.03 -7.31 -15.07
N PHE B 45 24.76 -6.26 -15.44
CA PHE B 45 24.10 -5.04 -15.82
C PHE B 45 23.14 -5.24 -16.98
N THR B 46 23.42 -6.22 -17.87
CA THR B 46 22.59 -6.37 -19.06
C THR B 46 21.19 -6.92 -18.81
N ASN B 47 20.97 -7.63 -17.73
CA ASN B 47 19.69 -8.34 -17.58
C ASN B 47 19.22 -8.49 -16.15
N THR B 48 19.60 -7.55 -15.31
CA THR B 48 19.04 -7.44 -13.98
C THR B 48 18.46 -6.05 -13.81
N GLY B 49 18.08 -5.69 -12.60
CA GLY B 49 17.50 -4.39 -12.36
C GLY B 49 18.56 -3.33 -12.23
N PHE B 50 19.00 -2.86 -13.37
CA PHE B 50 20.09 -1.90 -13.52
C PHE B 50 19.59 -0.48 -13.65
N ALA B 51 20.31 0.43 -13.00
CA ALA B 51 19.95 1.84 -13.07
C ALA B 51 21.21 2.71 -13.09
N ILE B 52 21.09 3.88 -13.72
CA ILE B 52 22.13 4.90 -13.67
C ILE B 52 21.55 6.04 -12.82
N ARG B 53 22.36 6.51 -11.88
CA ARG B 53 21.98 7.58 -10.95
C ARG B 53 22.86 8.80 -11.14
N VAL B 54 22.26 9.97 -11.07
CA VAL B 54 22.97 11.19 -10.76
C VAL B 54 22.45 11.83 -9.47
N GLN B 55 23.36 12.49 -8.75
CA GLN B 55 23.01 13.16 -7.52
C GLN B 55 23.79 14.44 -7.41
N ASN B 56 23.21 15.44 -6.75
CA ASN B 56 23.72 16.81 -6.81
C ASN B 56 23.95 17.36 -5.42
N LYS B 57 24.94 16.81 -4.74
CA LYS B 57 25.38 17.39 -3.47
C LYS B 57 25.87 18.85 -3.59
N ARG B 58 25.54 19.64 -2.56
CA ARG B 58 25.77 21.08 -2.55
C ARG B 58 27.24 21.41 -2.79
N ASN B 59 27.47 22.33 -3.74
CA ASN B 59 28.80 22.90 -3.98
C ASN B 59 29.81 21.85 -4.35
N GLN B 60 29.36 20.70 -4.82
CA GLN B 60 30.30 19.77 -5.42
C GLN B 60 29.85 19.31 -6.80
N LYS B 61 30.74 18.60 -7.49
CA LYS B 61 30.37 18.08 -8.77
C LYS B 61 29.20 17.09 -8.61
N VAL B 62 28.33 17.03 -9.62
CA VAL B 62 27.42 15.92 -9.73
C VAL B 62 28.19 14.61 -9.68
N ASP B 63 27.66 13.63 -8.95
CA ASP B 63 28.20 12.27 -8.97
C ASP B 63 27.35 11.42 -9.90
N CYS B 64 28.01 10.48 -10.58
CA CYS B 64 27.35 9.45 -11.35
C CYS B 64 27.61 8.07 -10.75
N ASN B 65 26.52 7.37 -10.43
CA ASN B 65 26.58 6.04 -9.76
C ASN B 65 25.79 5.07 -10.62
N ILE B 66 26.27 3.85 -10.72
CA ILE B 66 25.54 2.82 -11.42
C ILE B 66 25.28 1.71 -10.45
N ARG B 67 24.14 1.04 -10.61
CA ARG B 67 23.70 0.10 -9.59
C ARG B 67 22.81 -0.97 -10.17
N TYR B 68 22.74 -2.10 -9.48
CA TYR B 68 21.79 -3.12 -9.88
C TYR B 68 21.35 -3.95 -8.70
N GLY B 69 20.19 -4.57 -8.86
CA GLY B 69 19.73 -5.58 -7.92
C GLY B 69 19.19 -6.79 -8.66
N GLU B 70 19.23 -7.95 -8.01
CA GLU B 70 18.55 -9.14 -8.54
C GLU B 70 18.10 -10.04 -7.41
N ALA B 71 17.13 -10.87 -7.75
CA ALA B 71 16.43 -11.69 -6.77
C ALA B 71 17.16 -13.01 -6.62
N LYS B 72 18.30 -12.95 -5.95
CA LYS B 72 19.03 -14.13 -5.51
C LYS B 72 19.16 -14.08 -3.99
N GLU B 73 19.21 -15.26 -3.37
CA GLU B 73 19.20 -15.37 -1.92
C GLU B 73 20.58 -15.17 -1.32
N ASN B 74 21.61 -15.30 -2.14
CA ASN B 74 22.99 -15.17 -1.72
C ASN B 74 23.59 -13.89 -2.33
N CYS B 75 24.55 -13.33 -1.59
CA CYS B 75 25.18 -12.06 -1.95
C CYS B 75 26.27 -12.21 -3.01
N LEU B 76 25.84 -12.31 -4.28
CA LEU B 76 26.75 -12.67 -5.34
C LEU B 76 27.72 -11.53 -5.63
N ALA B 77 27.36 -10.31 -5.27
CA ALA B 77 28.22 -9.19 -5.56
C ALA B 77 29.49 -9.28 -4.73
N TRP B 78 29.41 -9.87 -3.54
CA TRP B 78 30.55 -9.87 -2.66
C TRP B 78 31.73 -10.64 -3.26
N ASP B 79 31.53 -11.89 -3.66
CA ASP B 79 32.65 -12.61 -4.28
C ASP B 79 33.10 -11.92 -5.55
N ILE B 80 32.15 -11.43 -6.36
CA ILE B 80 32.56 -10.80 -7.60
C ILE B 80 33.43 -9.58 -7.35
N ALA B 81 33.03 -8.75 -6.39
CA ALA B 81 33.75 -7.54 -6.08
C ALA B 81 35.13 -7.91 -5.54
N ARG B 82 35.20 -8.93 -4.69
CA ARG B 82 36.47 -9.36 -4.08
C ARG B 82 37.44 -9.81 -5.18
N GLU B 83 36.98 -10.70 -6.05
CA GLU B 83 37.81 -11.21 -7.15
C GLU B 83 38.18 -10.10 -8.14
N SER B 84 37.33 -9.11 -8.28
CA SER B 84 37.54 -8.03 -9.24
C SER B 84 38.51 -6.94 -8.77
N GLY B 85 38.99 -7.04 -7.52
CA GLY B 85 39.80 -5.96 -6.92
C GLY B 85 39.03 -4.75 -6.42
N LEU B 86 37.71 -4.86 -6.42
CA LEU B 86 36.82 -3.73 -6.04
C LEU B 86 36.48 -3.64 -4.55
N LEU B 87 36.84 -4.67 -3.79
CA LEU B 87 36.48 -4.74 -2.38
C LEU B 87 37.59 -5.35 -1.57
N SER B 88 38.35 -4.51 -0.89
CA SER B 88 39.34 -5.08 0.03
C SER B 88 39.10 -4.61 1.44
N ASP B 89 39.52 -5.42 2.39
CA ASP B 89 39.34 -5.10 3.78
C ASP B 89 40.12 -3.86 4.19
N GLN B 90 39.51 -3.07 5.05
CA GLN B 90 40.05 -1.79 5.48
C GLN B 90 40.31 -1.79 7.02
N GLY B 91 40.01 -2.89 7.69
CA GLY B 91 40.12 -2.95 9.14
C GLY B 91 39.08 -2.07 9.80
N HIS B 92 37.83 -2.36 9.49
CA HIS B 92 36.70 -1.54 9.90
C HIS B 92 35.49 -2.44 9.95
N PRO B 93 34.53 -2.16 10.86
CA PRO B 93 33.34 -3.01 10.98
C PRO B 93 32.59 -3.24 9.67
N VAL B 94 32.69 -2.33 8.70
CA VAL B 94 32.05 -2.63 7.40
C VAL B 94 32.59 -3.89 6.76
N ASP B 95 33.83 -4.26 7.10
CA ASP B 95 34.44 -5.43 6.44
C ASP B 95 33.58 -6.69 6.61
N THR B 96 32.87 -6.84 7.73
CA THR B 96 32.14 -8.08 7.95
C THR B 96 30.62 -7.89 8.02
N LEU B 97 30.15 -6.67 7.86
CA LEU B 97 28.74 -6.39 8.09
C LEU B 97 27.76 -7.06 7.11
N ILE B 98 28.05 -7.04 5.81
CA ILE B 98 27.11 -7.62 4.86
C ILE B 98 27.01 -9.13 5.08
N GLN B 99 28.12 -9.76 5.43
CA GLN B 99 28.12 -11.19 5.65
C GLN B 99 27.23 -11.50 6.87
N GLU B 100 27.32 -10.66 7.89
CA GLU B 100 26.50 -10.84 9.12
C GLU B 100 25.03 -10.65 8.81
N MET B 101 24.75 -9.70 7.93
CA MET B 101 23.39 -9.46 7.54
C MET B 101 22.77 -10.68 6.86
N PHE B 102 23.49 -11.27 5.90
CA PHE B 102 22.98 -12.43 5.17
C PHE B 102 22.88 -13.65 6.11
N GLN B 103 23.77 -13.72 7.09
CA GLN B 103 23.66 -14.81 8.09
C GLN B 103 22.47 -14.62 9.02
N ALA B 104 22.14 -13.38 9.37
CA ALA B 104 21.10 -13.09 10.39
C ALA B 104 19.68 -13.15 9.84
N ILE B 105 19.52 -12.65 8.62
CA ILE B 105 18.21 -12.52 8.03
C ILE B 105 18.25 -13.08 6.60
N PRO B 106 17.32 -14.00 6.27
CA PRO B 106 17.34 -14.50 4.90
C PRO B 106 17.04 -13.39 3.89
N ALA B 107 17.67 -13.47 2.74
CA ALA B 107 17.49 -12.46 1.70
C ALA B 107 16.65 -12.99 0.55
N ILE B 108 15.79 -12.14 -0.01
CA ILE B 108 15.10 -12.48 -1.27
C ILE B 108 15.82 -11.83 -2.46
N ALA B 109 16.67 -10.86 -2.16
CA ALA B 109 17.43 -10.18 -3.22
C ALA B 109 18.69 -9.54 -2.66
N TYR B 110 19.59 -9.16 -3.53
CA TYR B 110 20.76 -8.39 -3.14
C TYR B 110 21.02 -7.35 -4.24
N GLY B 111 21.96 -6.44 -3.99
CA GLY B 111 22.34 -5.50 -5.02
C GLY B 111 23.69 -4.86 -4.72
N ALA B 112 24.11 -3.98 -5.61
CA ALA B 112 25.35 -3.27 -5.39
C ALA B 112 25.34 -1.98 -6.15
N ASP B 113 26.07 -1.00 -5.62
CA ASP B 113 26.28 0.23 -6.36
C ASP B 113 27.69 0.73 -6.37
N PHE B 114 27.96 1.45 -7.45
CA PHE B 114 29.30 1.83 -7.83
C PHE B 114 29.35 3.30 -8.22
N ASP B 115 30.29 4.05 -7.65
CA ASP B 115 30.61 5.38 -8.12
C ASP B 115 31.72 5.23 -9.16
N ILE B 116 31.48 5.75 -10.35
CA ILE B 116 32.34 5.43 -11.49
C ILE B 116 33.68 6.19 -11.41
N ASN B 117 33.87 7.00 -10.38
CA ASN B 117 35.16 7.61 -10.14
C ASN B 117 35.87 6.97 -8.95
N TYR B 118 35.32 5.87 -8.45
CA TYR B 118 35.80 5.28 -7.20
C TYR B 118 35.85 3.76 -7.23
N GLY B 119 34.72 3.14 -7.48
CA GLY B 119 34.61 1.70 -7.33
C GLY B 119 33.28 1.30 -6.72
N LEU B 120 33.28 0.17 -6.05
CA LEU B 120 32.11 -0.31 -5.32
C LEU B 120 31.92 0.54 -4.06
N VAL B 121 30.72 1.06 -3.89
CA VAL B 121 30.35 1.85 -2.73
C VAL B 121 29.49 1.11 -1.72
N LYS B 122 28.42 0.45 -2.19
CA LYS B 122 27.54 -0.29 -1.30
C LYS B 122 27.25 -1.69 -1.83
N ILE B 123 26.92 -2.56 -0.90
CA ILE B 123 26.19 -3.78 -1.17
C ILE B 123 24.89 -3.78 -0.36
N TRP B 124 23.84 -4.28 -1.01
CA TRP B 124 22.48 -4.32 -0.48
C TRP B 124 22.07 -5.73 -0.11
N HIS B 125 21.25 -5.81 0.92
CA HIS B 125 20.55 -7.01 1.35
C HIS B 125 19.05 -6.65 1.38
N LEU B 126 18.21 -7.43 0.71
CA LEU B 126 16.77 -7.25 0.75
C LEU B 126 16.13 -8.51 1.30
N PRO B 127 15.60 -8.41 2.53
CA PRO B 127 14.80 -9.52 3.06
C PRO B 127 13.37 -9.44 2.56
N LYS B 128 12.59 -10.49 2.82
CA LYS B 128 11.14 -10.27 2.88
C LYS B 128 10.93 -9.26 4.02
N ILE B 129 9.89 -8.47 3.90
CA ILE B 129 9.67 -7.48 4.93
C ILE B 129 9.58 -8.13 6.30
N VAL B 130 10.35 -7.58 7.23
CA VAL B 130 10.45 -8.15 8.58
C VAL B 130 10.39 -7.06 9.62
N PRO B 131 10.06 -7.44 10.86
CA PRO B 131 10.11 -6.46 11.93
C PRO B 131 11.53 -5.93 12.08
N VAL B 132 11.65 -4.64 12.36
CA VAL B 132 12.96 -4.01 12.46
C VAL B 132 13.84 -4.63 13.53
N GLU B 133 13.24 -5.11 14.61
CA GLU B 133 13.96 -5.79 15.68
C GLU B 133 14.86 -6.93 15.17
N GLU B 134 14.53 -7.52 14.04
CA GLU B 134 15.36 -8.63 13.53
C GLU B 134 16.77 -8.16 13.17
N ALA B 135 16.92 -6.87 12.88
CA ALA B 135 18.23 -6.31 12.58
C ALA B 135 19.12 -6.18 13.81
N PHE B 136 18.52 -6.11 14.99
CA PHE B 136 19.29 -5.73 16.15
C PHE B 136 20.23 -6.84 16.62
N LYS B 137 20.04 -8.06 16.14
CA LYS B 137 20.96 -9.16 16.45
C LYS B 137 22.29 -9.09 15.68
N ILE B 138 22.33 -8.32 14.60
CA ILE B 138 23.54 -8.24 13.78
C ILE B 138 24.71 -7.61 14.57
N PRO B 139 25.78 -8.38 14.84
CA PRO B 139 26.79 -7.93 15.81
C PRO B 139 27.48 -6.60 15.50
N SER B 140 27.88 -6.40 14.25
CA SER B 140 28.66 -5.23 13.88
C SER B 140 27.84 -4.00 13.48
N LEU B 141 26.52 -4.03 13.64
CA LEU B 141 25.74 -2.80 13.37
C LEU B 141 26.22 -1.71 14.30
N PRO B 142 26.25 -0.46 13.82
CA PRO B 142 26.51 0.64 14.73
C PRO B 142 25.62 0.58 15.96
N LYS B 143 26.18 0.94 17.11
CA LYS B 143 25.43 1.00 18.37
C LYS B 143 24.23 1.96 18.28
N SER B 144 24.36 2.99 17.44
CA SER B 144 23.30 3.96 17.26
C SER B 144 21.98 3.36 16.75
N VAL B 145 22.04 2.22 16.05
CA VAL B 145 20.81 1.65 15.52
C VAL B 145 19.86 1.24 16.66
N ASN B 146 20.38 0.47 17.59
CA ASN B 146 19.59 0.05 18.76
C ASN B 146 19.15 1.24 19.58
N ALA B 147 19.98 2.28 19.57
CA ALA B 147 19.73 3.48 20.34
C ALA B 147 18.58 4.28 19.74
N HIS B 148 18.07 3.83 18.61
CA HIS B 148 16.98 4.53 17.99
C HIS B 148 15.70 3.72 17.93
N ILE B 149 15.56 2.72 18.82
CA ILE B 149 14.32 1.93 18.84
C ILE B 149 13.11 2.81 19.09
N ASP B 150 13.20 3.79 19.99
CA ASP B 150 12.02 4.61 20.27
C ASP B 150 11.64 5.53 19.11
N PHE B 151 12.67 6.08 18.47
CA PHE B 151 12.49 6.85 17.27
C PHE B 151 11.74 6.03 16.22
N PHE B 152 12.20 4.81 15.97
CA PHE B 152 11.60 3.94 14.95
C PHE B 152 10.13 3.71 15.25
N LYS B 153 9.80 3.47 16.52
CA LYS B 153 8.42 3.17 16.87
C LYS B 153 7.55 4.40 16.66
N LYS B 154 8.08 5.55 17.04
CA LYS B 154 7.32 6.79 16.96
C LYS B 154 6.91 7.14 15.52
N TYR B 155 7.80 6.83 14.58
CA TYR B 155 7.62 7.19 13.18
C TYR B 155 7.20 6.02 12.28
N HIS B 156 6.68 4.97 12.90
CA HIS B 156 6.09 3.85 12.16
C HIS B 156 7.11 3.21 11.25
N LEU B 157 8.35 3.19 11.74
CA LEU B 157 9.45 2.50 11.09
C LEU B 157 9.60 1.11 11.70
N ASP B 158 8.57 0.31 11.50
CA ASP B 158 8.50 -1.02 12.07
C ASP B 158 8.80 -2.15 11.09
N ALA B 159 8.85 -1.81 9.82
CA ALA B 159 8.88 -2.81 8.76
C ALA B 159 10.09 -2.56 7.88
N LEU B 160 11.12 -3.36 8.14
CA LEU B 160 12.41 -3.29 7.44
C LEU B 160 12.30 -3.98 6.09
N CYS B 161 12.69 -3.28 5.02
CA CYS B 161 12.60 -3.84 3.70
C CYS B 161 13.93 -3.94 2.98
N ALA B 162 15.00 -3.38 3.56
CA ALA B 162 16.33 -3.51 3.03
C ALA B 162 17.37 -3.01 4.01
N LEU B 163 18.60 -3.45 3.78
CA LEU B 163 19.78 -3.01 4.53
C LEU B 163 20.88 -2.76 3.52
N THR B 164 21.69 -1.74 3.77
CA THR B 164 22.90 -1.57 2.98
C THR B 164 24.15 -1.28 3.84
N VAL B 165 25.30 -1.63 3.27
CA VAL B 165 26.59 -1.30 3.85
C VAL B 165 27.33 -0.40 2.87
N ASP B 166 27.86 0.72 3.37
CA ASP B 166 28.60 1.67 2.51
C ASP B 166 30.05 1.64 2.92
N TYR B 167 30.84 0.96 2.10
CA TYR B 167 32.25 0.72 2.35
C TYR B 167 33.09 1.97 2.21
N ARG B 168 32.64 2.96 1.44
CA ARG B 168 33.40 4.21 1.24
C ARG B 168 33.15 5.15 2.41
N ASN B 169 31.87 5.39 2.73
CA ASN B 169 31.39 6.37 3.75
C ASN B 169 31.45 5.78 5.15
N LYS B 170 31.66 4.47 5.27
CA LYS B 170 31.63 3.77 6.52
C LYS B 170 30.31 4.00 7.28
N SER B 171 29.23 3.58 6.65
CA SER B 171 27.88 3.81 7.20
C SER B 171 26.97 2.67 6.77
N THR B 172 25.80 2.59 7.39
CA THR B 172 24.87 1.55 7.05
C THR B 172 23.49 2.20 7.02
N ASN B 173 22.66 1.79 6.08
CA ASN B 173 21.30 2.34 5.98
C ASN B 173 20.32 1.23 6.30
N LEU B 174 19.28 1.60 7.03
CA LEU B 174 18.12 0.76 7.18
C LEU B 174 16.99 1.37 6.37
N TYR B 175 16.30 0.53 5.61
CA TYR B 175 15.21 1.00 4.74
C TYR B 175 13.90 0.42 5.27
N PHE B 176 12.87 1.26 5.29
CA PHE B 176 11.58 0.90 5.80
C PHE B 176 10.48 1.01 4.76
N ASP B 177 9.57 0.05 4.82
CA ASP B 177 8.33 0.13 4.05
C ASP B 177 7.39 1.14 4.70
N ALA B 178 7.15 2.25 3.99
CA ALA B 178 6.39 3.37 4.57
C ALA B 178 4.90 3.16 4.32
N HIS B 179 4.39 2.16 5.03
CA HIS B 179 3.04 1.65 4.84
C HIS B 179 1.96 2.41 5.59
N HIS B 180 2.33 3.17 6.60
CA HIS B 180 1.40 3.64 7.59
C HIS B 180 0.62 4.85 7.06
N PRO B 181 -0.67 4.95 7.43
CA PRO B 181 -1.43 6.07 6.92
C PRO B 181 -0.90 7.43 7.36
N GLU B 182 -0.22 7.50 8.50
CA GLU B 182 0.35 8.78 8.91
C GLU B 182 1.46 9.21 7.92
N GLN B 183 2.02 8.24 7.22
CA GLN B 183 3.07 8.50 6.22
C GLN B 183 2.52 9.02 4.91
N ARG B 184 1.18 9.20 4.86
CA ARG B 184 0.53 9.83 3.73
C ARG B 184 0.26 11.30 4.00
N THR B 185 0.74 11.80 5.13
CA THR B 185 0.50 13.18 5.54
C THR B 185 1.78 14.00 5.50
N THR B 186 1.65 15.28 5.15
CA THR B 186 2.80 16.14 5.12
C THR B 186 3.43 16.35 6.49
N GLN B 187 2.60 16.37 7.53
CA GLN B 187 3.08 16.67 8.87
C GLN B 187 4.05 15.58 9.36
N PHE B 188 3.84 14.33 8.92
CA PHE B 188 4.76 13.25 9.26
C PHE B 188 6.19 13.63 8.90
N TYR B 189 6.35 14.11 7.66
CA TYR B 189 7.66 14.41 7.13
C TYR B 189 8.26 15.66 7.79
N LYS B 190 7.44 16.64 8.12
CA LYS B 190 7.91 17.76 8.89
C LYS B 190 8.41 17.29 10.24
N ASN B 191 7.61 16.47 10.91
CA ASN B 191 7.95 16.01 12.24
C ASN B 191 9.22 15.17 12.27
N ILE B 192 9.38 14.27 11.31
CA ILE B 192 10.52 13.37 11.38
C ILE B 192 11.82 14.13 11.13
N LEU B 193 11.75 15.13 10.26
CA LEU B 193 12.89 15.97 9.96
C LEU B 193 13.19 16.85 11.14
N GLN B 194 12.14 17.45 11.73
CA GLN B 194 12.34 18.27 12.93
C GLN B 194 12.93 17.48 14.09
N SER B 195 12.59 16.19 14.21
CA SER B 195 13.10 15.38 15.31
C SER B 195 14.62 15.35 15.29
N GLN B 196 15.19 15.44 14.10
CA GLN B 196 16.63 15.40 13.89
C GLN B 196 17.25 16.75 13.67
N GLN B 197 16.44 17.82 13.75
CA GLN B 197 16.86 19.18 13.34
C GLN B 197 17.46 19.23 11.93
N PHE B 198 16.84 18.48 11.02
CA PHE B 198 17.21 18.54 9.60
C PHE B 198 16.34 19.59 8.90
N GLU B 199 16.78 20.13 7.77
CA GLU B 199 16.02 21.21 7.16
C GLU B 199 14.76 20.67 6.53
N VAL B 200 13.69 21.42 6.73
CA VAL B 200 12.38 21.02 6.24
C VAL B 200 12.16 21.65 4.87
N PRO B 201 11.75 20.84 3.88
CA PRO B 201 11.69 21.36 2.53
C PRO B 201 10.41 22.16 2.31
N SER B 202 10.25 22.70 1.11
CA SER B 202 9.07 23.46 0.75
C SER B 202 7.81 22.64 0.85
N ASP B 203 6.67 23.32 0.89
CA ASP B 203 5.39 22.62 0.92
C ASP B 203 5.22 21.76 -0.34
N GLU B 204 5.70 22.30 -1.46
CA GLU B 204 5.60 21.59 -2.72
C GLU B 204 6.33 20.24 -2.63
N VAL B 205 7.52 20.23 -2.04
CA VAL B 205 8.24 18.98 -1.86
C VAL B 205 7.53 18.07 -0.85
N LEU B 206 7.02 18.65 0.22
CA LEU B 206 6.29 17.84 1.19
C LEU B 206 5.12 17.11 0.54
N GLU B 207 4.42 17.81 -0.35
CA GLU B 207 3.30 17.19 -1.03
C GLU B 207 3.74 16.01 -1.94
N ILE B 208 4.98 16.06 -2.43
CA ILE B 208 5.56 14.93 -3.19
C ILE B 208 5.85 13.72 -2.29
N LEU B 209 6.33 13.99 -1.07
CA LEU B 209 6.78 12.98 -0.13
C LEU B 209 5.66 12.13 0.39
N VAL B 210 4.43 12.66 0.39
CA VAL B 210 3.31 11.82 0.85
C VAL B 210 3.12 10.49 0.10
N ASN B 211 3.61 10.41 -1.14
CA ASN B 211 3.58 9.17 -1.89
C ASN B 211 4.80 8.26 -1.71
N CYS B 212 5.70 8.63 -0.81
CA CYS B 212 6.91 7.86 -0.55
C CYS B 212 6.60 6.48 0.00
N PRO B 213 7.03 5.41 -0.68
CA PRO B 213 6.81 4.07 -0.10
C PRO B 213 7.98 3.56 0.71
N GLU B 214 9.10 4.29 0.67
CA GLU B 214 10.34 3.77 1.25
C GLU B 214 11.14 4.89 1.89
N ILE B 215 11.55 4.66 3.13
CA ILE B 215 12.33 5.63 3.91
C ILE B 215 13.64 4.97 4.34
N ALA B 216 14.77 5.64 4.05
CA ALA B 216 16.07 5.18 4.49
C ALA B 216 16.56 6.05 5.63
N VAL B 217 17.23 5.40 6.57
CA VAL B 217 17.84 6.08 7.68
C VAL B 217 19.30 5.63 7.80
N THR B 218 20.21 6.59 7.77
CA THR B 218 21.65 6.32 7.79
C THR B 218 22.26 6.43 9.20
N PHE B 219 23.04 5.41 9.56
CA PHE B 219 23.75 5.34 10.83
C PHE B 219 25.23 5.09 10.56
N ASN B 220 26.09 5.53 11.48
CA ASN B 220 27.52 5.30 11.34
C ASN B 220 28.15 5.02 12.70
N TRP B 221 29.43 4.63 12.66
CA TRP B 221 30.12 4.24 13.86
C TRP B 221 30.78 5.42 14.61
N SER B 222 30.79 6.62 14.03
CA SER B 222 31.57 7.74 14.53
C SER B 222 30.68 8.74 15.29
N SER B 223 29.37 8.49 15.33
CA SER B 223 28.46 9.38 16.02
C SER B 223 27.23 8.66 16.53
N PRO B 224 26.56 9.22 17.55
CA PRO B 224 25.48 8.46 18.16
C PRO B 224 24.15 8.74 17.46
N GLY B 225 24.12 9.72 16.58
CA GLY B 225 22.86 10.18 15.96
C GLY B 225 22.71 9.74 14.52
N ILE B 226 21.53 9.96 13.97
CA ILE B 226 21.26 9.67 12.57
C ILE B 226 22.05 10.63 11.69
N GLU B 227 22.71 10.11 10.66
CA GLU B 227 23.56 10.93 9.77
C GLU B 227 22.75 11.68 8.72
N ARG B 228 21.75 10.99 8.17
CA ARG B 228 20.88 11.55 7.14
C ARG B 228 19.72 10.60 6.99
N MET B 229 18.68 11.08 6.31
CA MET B 229 17.55 10.22 5.96
C MET B 229 17.13 10.56 4.53
N CYS B 230 16.47 9.61 3.88
CA CYS B 230 16.10 9.75 2.49
C CYS B 230 14.75 9.16 2.25
N PHE B 231 13.95 9.91 1.49
CA PHE B 231 12.60 9.49 1.15
C PHE B 231 12.57 9.18 -0.33
N TYR B 232 12.17 7.97 -0.71
CA TYR B 232 12.15 7.61 -2.12
C TYR B 232 10.74 7.62 -2.71
N THR B 233 10.64 8.15 -3.92
CA THR B 233 9.38 8.31 -4.65
C THR B 233 9.63 7.87 -6.08
N ALA B 234 8.70 7.12 -6.65
CA ALA B 234 8.81 6.60 -7.99
C ALA B 234 7.95 7.41 -8.95
N PHE B 235 8.40 7.50 -10.19
CA PHE B 235 7.65 8.19 -11.24
C PHE B 235 7.65 7.28 -12.45
N VAL B 236 6.50 7.05 -13.05
CA VAL B 236 6.41 6.08 -14.12
C VAL B 236 7.01 6.42 -15.46
N ASN B 237 7.24 7.70 -15.71
CA ASN B 237 7.84 8.10 -16.96
C ASN B 237 8.55 9.44 -16.81
N ARG B 238 9.17 9.90 -17.87
CA ARG B 238 9.94 11.14 -17.85
C ARG B 238 9.05 12.31 -17.43
N GLU B 239 7.87 12.36 -17.99
CA GLU B 239 6.98 13.47 -17.81
C GLU B 239 6.46 13.71 -16.42
N THR B 240 6.29 12.63 -15.68
CA THR B 240 5.78 12.69 -14.34
C THR B 240 6.84 13.01 -13.27
N VAL B 241 8.10 13.00 -13.64
CA VAL B 241 9.13 13.46 -12.71
C VAL B 241 8.85 14.95 -12.44
N PRO B 242 8.98 15.39 -11.20
CA PRO B 242 8.75 16.80 -10.88
C PRO B 242 9.96 17.63 -11.33
N GLN B 243 10.03 17.77 -12.64
CA GLN B 243 11.14 18.40 -13.34
C GLN B 243 11.37 19.86 -12.92
N HIS B 244 10.29 20.55 -12.57
CA HIS B 244 10.35 21.95 -12.18
C HIS B 244 11.07 22.20 -10.86
N ILE B 245 11.27 21.16 -10.04
CA ILE B 245 11.81 21.37 -8.70
C ILE B 245 13.28 21.80 -8.75
N ASN B 246 14.08 21.24 -9.66
CA ASN B 246 15.51 21.51 -9.67
C ASN B 246 16.02 21.21 -11.10
N PRO B 247 17.09 21.91 -11.50
CA PRO B 247 17.61 21.65 -12.84
C PRO B 247 18.06 20.21 -13.09
N VAL B 248 18.60 19.55 -12.08
CA VAL B 248 19.08 18.17 -12.27
C VAL B 248 17.95 17.19 -12.55
N LEU B 249 16.81 17.38 -11.91
CA LEU B 249 15.67 16.54 -12.18
C LEU B 249 15.16 16.75 -13.61
N LYS B 250 15.11 18.00 -14.04
CA LYS B 250 14.62 18.25 -15.40
C LYS B 250 15.57 17.66 -16.43
N LYS B 251 16.86 17.93 -16.29
CA LYS B 251 17.85 17.46 -17.28
C LYS B 251 17.90 15.95 -17.34
N PHE B 252 17.94 15.29 -16.18
CA PHE B 252 18.06 13.84 -16.18
C PHE B 252 16.76 13.18 -16.62
N ALA B 253 15.62 13.71 -16.22
CA ALA B 253 14.36 13.17 -16.71
C ALA B 253 14.30 13.24 -18.23
N GLN B 254 14.68 14.38 -18.80
CA GLN B 254 14.61 14.55 -20.25
C GLN B 254 15.64 13.73 -21.02
N GLU B 255 16.82 13.57 -20.41
CA GLU B 255 17.98 13.10 -21.16
C GLU B 255 18.57 11.74 -20.76
N ALA B 256 18.15 11.19 -19.64
CA ALA B 256 18.75 9.95 -19.17
C ALA B 256 18.57 8.87 -20.21
N PRO B 257 19.60 8.09 -20.47
CA PRO B 257 19.50 7.00 -21.43
C PRO B 257 18.82 5.78 -20.83
N ALA B 258 18.15 5.02 -21.69
CA ALA B 258 17.56 3.73 -21.31
C ALA B 258 17.35 2.91 -22.57
N LEU B 259 17.06 1.63 -22.41
CA LEU B 259 16.70 0.83 -23.56
C LEU B 259 15.24 0.91 -23.92
N LEU B 260 14.44 1.49 -23.03
CA LEU B 260 13.05 1.88 -23.25
C LEU B 260 13.01 3.30 -23.72
N ASP B 261 11.99 3.62 -24.49
CA ASP B 261 11.82 5.00 -24.94
C ASP B 261 11.49 5.98 -23.83
N ASN B 262 10.64 5.53 -22.92
CA ASN B 262 10.12 6.37 -21.87
C ASN B 262 10.16 5.61 -20.54
N PRO B 263 11.36 5.52 -19.95
CA PRO B 263 11.57 4.79 -18.72
C PRO B 263 10.99 5.52 -17.52
N GLY B 264 10.72 4.77 -16.46
CA GLY B 264 10.46 5.35 -15.15
C GLY B 264 11.73 5.75 -14.43
N PHE B 265 11.51 6.40 -13.28
CA PHE B 265 12.59 6.93 -12.48
C PHE B 265 12.29 6.70 -10.99
N LEU B 266 13.34 6.60 -10.19
CA LEU B 266 13.20 6.70 -8.73
C LEU B 266 13.96 7.94 -8.30
N VAL B 267 13.34 8.74 -7.45
CA VAL B 267 13.98 9.92 -6.91
C VAL B 267 14.08 9.77 -5.40
N GLY B 268 15.27 10.04 -4.88
CA GLY B 268 15.49 10.07 -3.43
C GLY B 268 15.71 11.49 -2.97
N TRP B 269 14.95 11.91 -1.98
CA TRP B 269 15.03 13.23 -1.41
C TRP B 269 15.78 13.05 -0.08
N SER B 270 17.03 13.49 -0.05
CA SER B 270 17.91 13.27 1.09
C SER B 270 17.95 14.52 1.93
N PHE B 271 17.95 14.32 3.23
CA PHE B 271 18.01 15.40 4.20
C PHE B 271 19.02 15.15 5.31
N GLY B 272 19.71 16.22 5.69
CA GLY B 272 20.67 16.17 6.79
C GLY B 272 20.67 17.47 7.55
N PRO B 273 21.69 17.66 8.40
CA PRO B 273 21.64 18.77 9.37
C PRO B 273 21.33 20.13 8.76
N ASP B 274 20.46 20.87 9.47
CA ASP B 274 19.76 22.07 8.99
C ASP B 274 20.77 23.16 8.62
N LYS B 277 25.09 19.74 5.33
CA LYS B 277 24.98 18.84 4.19
C LYS B 277 24.08 17.69 4.55
N GLY B 278 24.05 16.67 3.68
CA GLY B 278 23.06 15.60 3.82
C GLY B 278 21.81 15.88 2.96
N THR B 279 21.60 17.14 2.51
CA THR B 279 20.37 17.60 1.78
C THR B 279 20.52 17.85 0.25
N TYR B 280 19.94 16.97 -0.55
CA TYR B 280 20.19 16.90 -1.99
C TYR B 280 19.21 15.88 -2.63
N ILE B 281 19.26 15.72 -3.95
CA ILE B 281 18.37 14.80 -4.64
C ILE B 281 19.21 13.76 -5.37
N LYS B 282 18.66 12.57 -5.46
CA LYS B 282 19.23 11.44 -6.18
C LYS B 282 18.19 11.02 -7.22
N ILE B 283 18.55 10.82 -8.48
CA ILE B 283 17.57 10.33 -9.44
C ILE B 283 18.19 9.23 -10.27
N ASP B 284 17.43 8.13 -10.37
CA ASP B 284 17.86 6.89 -11.03
C ASP B 284 16.93 6.61 -12.20
N VAL B 285 17.52 6.34 -13.36
CA VAL B 285 16.73 5.92 -14.53
C VAL B 285 16.57 4.41 -14.56
N ASP B 286 15.35 3.97 -14.84
CA ASP B 286 15.02 2.55 -14.92
C ASP B 286 15.40 2.03 -16.30
N TYR B 287 16.67 1.68 -16.44
CA TYR B 287 17.33 1.49 -17.72
C TYR B 287 16.69 0.37 -18.54
N HIS B 288 16.38 -0.74 -17.88
CA HIS B 288 15.70 -1.85 -18.55
C HIS B 288 14.20 -1.94 -18.29
N GLY B 289 13.65 -1.05 -17.48
CA GLY B 289 12.24 -1.10 -17.14
C GLY B 289 11.86 -2.11 -16.04
N LEU B 290 12.85 -2.68 -15.33
CA LEU B 290 12.61 -3.66 -14.26
C LEU B 290 12.57 -3.02 -12.87
N VAL B 291 13.18 -1.86 -12.71
CA VAL B 291 13.36 -1.31 -11.34
C VAL B 291 12.07 -0.74 -10.76
N VAL B 292 11.36 0.07 -11.54
CA VAL B 292 10.12 0.66 -11.01
C VAL B 292 9.07 -0.43 -10.64
N PRO B 293 8.88 -1.44 -11.52
CA PRO B 293 8.07 -2.57 -11.11
C PRO B 293 8.53 -3.30 -9.85
N SER B 294 9.84 -3.48 -9.73
CA SER B 294 10.42 -4.15 -8.53
C SER B 294 10.12 -3.31 -7.29
N PHE B 295 10.24 -2.00 -7.43
CA PHE B 295 10.05 -1.07 -6.30
C PHE B 295 8.59 -1.15 -5.82
N PHE B 296 7.63 -1.08 -6.75
CA PHE B 296 6.24 -1.22 -6.37
C PHE B 296 5.97 -2.62 -5.78
N HIS B 297 6.49 -3.66 -6.43
CA HIS B 297 6.28 -5.02 -5.95
C HIS B 297 6.76 -5.22 -4.51
N MET B 298 7.94 -4.72 -4.20
CA MET B 298 8.54 -4.98 -2.90
C MET B 298 7.84 -4.21 -1.79
N HIS B 299 7.09 -3.17 -2.16
CA HIS B 299 6.27 -2.43 -1.22
C HIS B 299 4.80 -2.78 -1.30
N ASN B 300 4.47 -3.89 -1.97
CA ASN B 300 3.09 -4.38 -2.05
C ASN B 300 2.11 -3.34 -2.56
N LEU B 301 2.51 -2.63 -3.60
CA LEU B 301 1.66 -1.65 -4.26
C LEU B 301 1.37 -2.10 -5.69
N PRO B 302 0.15 -1.86 -6.18
CA PRO B 302 -0.18 -2.17 -7.58
C PRO B 302 0.80 -1.55 -8.55
N LEU B 303 1.22 -2.35 -9.51
CA LEU B 303 2.18 -1.93 -10.52
C LEU B 303 1.48 -1.00 -11.50
N PRO B 304 2.14 0.12 -11.82
CA PRO B 304 1.45 1.07 -12.70
C PRO B 304 1.22 0.50 -14.09
N ILE B 305 2.18 -0.30 -14.57
CA ILE B 305 2.06 -1.04 -15.83
C ILE B 305 2.06 -2.53 -15.46
N PRO B 306 0.87 -3.14 -15.31
CA PRO B 306 0.84 -4.41 -14.55
C PRO B 306 1.41 -5.60 -15.29
N GLU B 307 1.59 -5.45 -16.62
CA GLU B 307 2.26 -6.47 -17.42
C GLU B 307 3.78 -6.43 -17.23
N ALA B 308 4.28 -5.37 -16.62
CA ALA B 308 5.73 -5.21 -16.53
C ALA B 308 6.33 -6.30 -15.64
N ASN B 309 7.47 -6.81 -16.09
CA ASN B 309 8.27 -7.69 -15.31
C ASN B 309 9.08 -6.89 -14.27
N SER B 310 9.57 -7.61 -13.27
CA SER B 310 10.44 -7.05 -12.26
C SER B 310 11.60 -8.04 -12.03
N VAL B 311 12.49 -7.71 -11.10
CA VAL B 311 13.52 -8.67 -10.73
C VAL B 311 12.92 -9.91 -10.09
N PHE B 312 11.72 -9.77 -9.52
CA PHE B 312 11.07 -10.89 -8.83
C PHE B 312 10.24 -11.76 -9.77
N ASP B 313 10.06 -11.26 -10.99
CA ASP B 313 9.14 -11.83 -11.98
C ASP B 313 9.73 -11.54 -13.35
N LEU B 314 10.86 -12.20 -13.63
CA LEU B 314 11.72 -11.83 -14.78
C LEU B 314 11.03 -12.13 -16.13
N PRO B 315 11.48 -11.46 -17.20
CA PRO B 315 10.94 -11.67 -18.58
C PRO B 315 10.97 -13.12 -19.04
#